data_5KN7
#
_entry.id   5KN7
#
_cell.length_a   58.770
_cell.length_b   145.330
_cell.length_c   87.210
_cell.angle_alpha   90.000
_cell.angle_beta   90.000
_cell.angle_gamma   90.000
#
_symmetry.space_group_name_H-M   'C 2 2 21'
#
loop_
_entity.id
_entity.type
_entity.pdbx_description
1 polymer 'Lipid A biosynthesis lauroyl acyltransferase'
2 non-polymer 'SULFATE ION'
3 non-polymer 'SODIUM ION'
4 non-polymer GLYCEROL
5 non-polymer DODECYL-BETA-D-MALTOSIDE
6 non-polymer 'PHOSPHATE ION'
7 water water
#
_entity_poly.entity_id   1
_entity_poly.type   'polypeptide(L)'
_entity_poly.pdbx_seq_one_letter_code
;MHHHHHHTRPDSKSMNYQLLKTFSRQPIQFGRFLARLLAGLVNTLKITRTSKSIELNLRIALPYLTPQQRIAITEKAVRN
ELTSYFEFLSIWGSSNSKNISRIHRIEGEHFFHEALAAKKGVVLIVPHFGTWEVMNAWCAQFTSMTILYKPVKNADADRF
VREARSREQANLVPTDESGVRQIFKALKQGETTVILPDHTPNVGGDMVNYFGVPLASSNLSAKLIQKTKAKALFLYAIRN
ENDGFTMHIEPMDEKIYEGTADDGTYVIHQAIEQLIYQYPEHYHWSYKRFKANPALDNIYNIDPTEALKIVDRLKAEALK
TSTQPEPIQTSVM
;
_entity_poly.pdbx_strand_id   B
#
# COMPACT_ATOMS: atom_id res chain seq x y z
N MET A 15 -25.65 -17.73 2.97
CA MET A 15 -25.53 -17.81 4.42
C MET A 15 -26.07 -16.53 5.07
N ASN A 16 -27.00 -15.88 4.37
CA ASN A 16 -27.64 -14.67 4.88
C ASN A 16 -28.20 -14.86 6.28
N TYR A 17 -28.54 -16.11 6.65
CA TYR A 17 -29.26 -16.35 7.91
C TYR A 17 -28.32 -16.43 9.11
N GLN A 18 -27.34 -17.35 9.05
CA GLN A 18 -26.34 -17.41 10.12
C GLN A 18 -25.67 -16.05 10.31
N LEU A 19 -25.67 -15.23 9.25
CA LEU A 19 -25.31 -13.83 9.34
C LEU A 19 -26.27 -13.08 10.27
N LEU A 20 -27.56 -13.04 9.91
CA LEU A 20 -28.55 -12.39 10.75
C LEU A 20 -28.62 -13.02 12.13
N LYS A 21 -28.36 -14.33 12.22
CA LYS A 21 -28.43 -15.02 13.50
C LYS A 21 -27.46 -14.41 14.52
N THR A 22 -26.35 -13.84 14.06
CA THR A 22 -25.40 -13.20 14.96
C THR A 22 -25.54 -11.69 15.01
N PHE A 23 -25.92 -11.04 13.90
CA PHE A 23 -26.43 -9.68 13.94
C PHE A 23 -27.43 -9.50 15.06
N SER A 24 -28.41 -10.40 15.13
CA SER A 24 -29.50 -10.32 16.07
C SER A 24 -29.14 -10.81 17.46
N ARG A 25 -28.01 -11.52 17.60
CA ARG A 25 -27.59 -12.01 18.90
C ARG A 25 -26.85 -10.96 19.73
N GLN A 26 -26.39 -9.87 19.11
CA GLN A 26 -25.58 -8.89 19.80
C GLN A 26 -26.45 -7.87 20.53
N PRO A 27 -25.91 -7.16 21.52
CA PRO A 27 -26.73 -6.17 22.24
C PRO A 27 -27.22 -5.07 21.31
N ILE A 28 -28.40 -4.55 21.63
CA ILE A 28 -29.08 -3.65 20.71
C ILE A 28 -28.29 -2.36 20.52
N GLN A 29 -27.52 -1.95 21.52
CA GLN A 29 -26.70 -0.75 21.37
C GLN A 29 -25.59 -0.96 20.35
N PHE A 30 -25.29 -2.21 20.00
CA PHE A 30 -24.29 -2.47 18.98
C PHE A 30 -24.82 -2.08 17.61
N GLY A 31 -26.03 -2.53 17.26
CA GLY A 31 -26.63 -2.08 16.00
C GLY A 31 -26.79 -0.58 15.94
N ARG A 32 -27.14 0.03 17.07
CA ARG A 32 -27.27 1.48 17.15
C ARG A 32 -25.94 2.15 16.81
N PHE A 33 -24.85 1.70 17.45
CA PHE A 33 -23.55 2.28 17.16
C PHE A 33 -23.20 2.10 15.68
N LEU A 34 -23.46 0.91 15.14
CA LEU A 34 -23.10 0.71 13.74
C LEU A 34 -23.93 1.62 12.82
N ALA A 35 -25.23 1.74 13.08
CA ALA A 35 -26.08 2.62 12.27
C ALA A 35 -25.59 4.07 12.30
N ARG A 36 -25.18 4.56 13.46
CA ARG A 36 -24.68 5.93 13.52
C ARG A 36 -23.42 6.09 12.68
N LEU A 37 -22.57 5.05 12.65
CA LEU A 37 -21.39 5.08 11.79
C LEU A 37 -21.78 5.20 10.32
N LEU A 38 -22.60 4.26 9.83
CA LEU A 38 -23.09 4.34 8.45
C LEU A 38 -23.73 5.68 8.18
N ALA A 39 -24.65 6.08 9.07
CA ALA A 39 -25.35 7.35 8.90
C ALA A 39 -24.39 8.51 8.72
N GLY A 40 -23.33 8.55 9.53
CA GLY A 40 -22.31 9.57 9.35
C GLY A 40 -21.77 9.58 7.94
N LEU A 41 -21.52 8.40 7.37
CA LEU A 41 -20.96 8.32 6.02
C LEU A 41 -21.98 8.78 4.98
N VAL A 42 -23.21 8.29 5.06
CA VAL A 42 -24.24 8.72 4.13
C VAL A 42 -24.54 10.21 4.28
N ASN A 43 -24.30 10.78 5.46
CA ASN A 43 -24.64 12.17 5.72
C ASN A 43 -23.49 13.13 5.42
N THR A 44 -22.25 12.63 5.29
CA THR A 44 -21.11 13.48 5.02
C THR A 44 -20.77 13.59 3.55
N LEU A 45 -21.36 12.75 2.69
CA LEU A 45 -20.91 12.55 1.31
C LEU A 45 -19.45 12.11 1.23
N LYS A 46 -18.93 11.52 2.32
CA LYS A 46 -17.61 10.88 2.27
C LYS A 46 -17.62 9.66 1.36
N ILE A 47 -18.78 9.03 1.19
CA ILE A 47 -18.86 7.82 0.37
C ILE A 47 -18.75 8.15 -1.11
N THR A 48 -19.50 9.16 -1.59
CA THR A 48 -19.41 9.47 -3.02
C THR A 48 -18.17 10.29 -3.35
N ARG A 49 -17.57 10.97 -2.37
CA ARG A 49 -16.25 11.55 -2.59
C ARG A 49 -15.22 10.46 -2.85
N THR A 50 -15.27 9.37 -2.07
CA THR A 50 -14.34 8.26 -2.33
C THR A 50 -14.51 7.72 -3.74
N SER A 51 -15.75 7.53 -4.19
CA SER A 51 -15.96 6.91 -5.49
C SER A 51 -15.40 7.76 -6.62
N LYS A 52 -15.53 9.08 -6.52
CA LYS A 52 -14.98 9.91 -7.58
C LYS A 52 -13.46 9.95 -7.54
N SER A 53 -12.85 9.81 -6.35
CA SER A 53 -11.39 9.77 -6.27
C SER A 53 -10.84 8.50 -6.91
N ILE A 54 -11.44 7.35 -6.61
CA ILE A 54 -11.10 6.10 -7.29
C ILE A 54 -11.17 6.29 -8.80
N GLU A 55 -12.31 6.78 -9.29
CA GLU A 55 -12.47 6.92 -10.73
C GLU A 55 -11.50 7.94 -11.32
N LEU A 56 -11.18 9.01 -10.59
CA LEU A 56 -10.17 9.93 -11.12
C LEU A 56 -8.81 9.25 -11.15
N ASN A 57 -8.47 8.50 -10.10
CA ASN A 57 -7.19 7.81 -10.08
C ASN A 57 -7.06 6.86 -11.26
N LEU A 58 -8.11 6.08 -11.55
CA LEU A 58 -8.09 5.17 -12.69
C LEU A 58 -7.94 5.94 -14.00
N ARG A 59 -8.66 7.06 -14.14
CA ARG A 59 -8.45 7.96 -15.26
C ARG A 59 -6.98 8.30 -15.45
N ILE A 60 -6.29 8.62 -14.35
CA ILE A 60 -4.92 9.10 -14.45
C ILE A 60 -3.98 7.96 -14.77
N ALA A 61 -4.06 6.86 -14.01
CA ALA A 61 -3.08 5.80 -14.13
C ALA A 61 -3.37 4.87 -15.29
N LEU A 62 -4.65 4.67 -15.64
CA LEU A 62 -5.04 3.70 -16.66
C LEU A 62 -5.85 4.41 -17.74
N PRO A 63 -5.22 5.31 -18.50
CA PRO A 63 -5.98 6.11 -19.48
C PRO A 63 -6.54 5.29 -20.63
N TYR A 64 -5.99 4.10 -20.90
CA TYR A 64 -6.44 3.27 -22.02
C TYR A 64 -7.74 2.54 -21.73
N LEU A 65 -8.26 2.59 -20.51
CA LEU A 65 -9.55 2.01 -20.25
C LEU A 65 -10.63 2.78 -21.01
N THR A 66 -11.58 2.04 -21.58
CA THR A 66 -12.78 2.70 -22.07
C THR A 66 -13.54 3.24 -20.86
N PRO A 67 -14.41 4.24 -21.07
CA PRO A 67 -15.32 4.64 -19.98
C PRO A 67 -16.10 3.46 -19.43
N GLN A 68 -16.43 2.48 -20.29
CA GLN A 68 -17.12 1.28 -19.83
C GLN A 68 -16.21 0.42 -18.92
N GLN A 69 -14.93 0.34 -19.24
CA GLN A 69 -14.04 -0.51 -18.45
C GLN A 69 -13.71 0.12 -17.10
N ARG A 70 -13.56 1.45 -17.09
CA ARG A 70 -13.35 2.17 -15.84
C ARG A 70 -14.42 1.83 -14.82
N ILE A 71 -15.68 2.07 -15.19
CA ILE A 71 -16.81 1.81 -14.29
C ILE A 71 -16.75 0.38 -13.78
N ALA A 72 -16.45 -0.58 -14.65
CA ALA A 72 -16.39 -1.98 -14.18
C ALA A 72 -15.29 -2.16 -13.16
N ILE A 73 -14.12 -1.57 -13.41
CA ILE A 73 -13.01 -1.71 -12.47
C ILE A 73 -13.24 -0.84 -11.25
N THR A 74 -13.80 0.36 -11.44
CA THR A 74 -14.16 1.18 -10.29
C THR A 74 -15.05 0.37 -9.36
N GLU A 75 -16.06 -0.30 -9.91
CA GLU A 75 -16.99 -1.03 -9.07
C GLU A 75 -16.31 -2.21 -8.40
N LYS A 76 -15.46 -2.93 -9.13
CA LYS A 76 -14.75 -4.04 -8.47
C LYS A 76 -13.74 -3.52 -7.47
N ALA A 77 -13.15 -2.35 -7.75
CA ALA A 77 -12.17 -1.78 -6.82
C ALA A 77 -12.84 -1.30 -5.55
N VAL A 78 -13.97 -0.59 -5.71
CA VAL A 78 -14.73 -0.18 -4.53
C VAL A 78 -14.99 -1.39 -3.64
N ARG A 79 -15.58 -2.42 -4.23
CA ARG A 79 -15.87 -3.65 -3.49
C ARG A 79 -14.60 -4.29 -2.94
N ASN A 80 -13.52 -4.33 -3.73
CA ASN A 80 -12.33 -5.09 -3.30
C ASN A 80 -11.57 -4.39 -2.19
N GLU A 81 -11.49 -3.05 -2.25
CA GLU A 81 -10.82 -2.32 -1.17
C GLU A 81 -11.63 -2.42 0.11
N LEU A 82 -12.94 -2.24 0.01
CA LEU A 82 -13.82 -2.41 1.16
C LEU A 82 -13.69 -3.81 1.74
N THR A 83 -13.69 -4.83 0.87
CA THR A 83 -13.50 -6.21 1.31
C THR A 83 -12.18 -6.39 2.06
N SER A 84 -11.11 -5.75 1.60
CA SER A 84 -9.81 -5.93 2.26
C SER A 84 -9.84 -5.37 3.66
N TYR A 85 -10.59 -4.31 3.91
CA TYR A 85 -10.55 -3.76 5.26
C TYR A 85 -11.31 -4.66 6.22
N PHE A 86 -12.41 -5.25 5.78
CA PHE A 86 -13.10 -6.23 6.60
C PHE A 86 -12.20 -7.43 6.86
N GLU A 87 -11.52 -7.92 5.82
CA GLU A 87 -10.59 -9.03 5.97
C GLU A 87 -9.46 -8.68 6.92
N PHE A 88 -8.98 -7.43 6.89
CA PHE A 88 -7.98 -7.00 7.87
C PHE A 88 -8.49 -7.18 9.29
N LEU A 89 -9.74 -6.79 9.54
CA LEU A 89 -10.30 -7.00 10.87
C LEU A 89 -10.26 -8.48 11.23
N SER A 90 -10.79 -9.34 10.35
CA SER A 90 -10.73 -10.77 10.58
C SER A 90 -9.31 -11.24 10.82
N ILE A 91 -8.36 -10.71 10.05
CA ILE A 91 -6.98 -11.15 10.22
C ILE A 91 -6.44 -10.71 11.57
N TRP A 92 -6.68 -9.44 11.92
CA TRP A 92 -6.13 -8.92 13.16
C TRP A 92 -6.78 -9.55 14.39
N GLY A 93 -7.98 -10.08 14.28
CA GLY A 93 -8.62 -10.77 15.39
C GLY A 93 -8.39 -12.25 15.43
N SER A 94 -7.54 -12.77 14.54
CA SER A 94 -7.28 -14.20 14.41
C SER A 94 -5.88 -14.54 14.93
N SER A 95 -5.75 -15.75 15.45
CA SER A 95 -4.48 -16.26 15.89
C SER A 95 -3.53 -16.37 14.70
N ASN A 96 -2.25 -16.58 15.00
CA ASN A 96 -1.27 -16.69 13.94
C ASN A 96 -1.51 -17.93 13.10
N SER A 97 -1.81 -19.07 13.73
CA SER A 97 -2.00 -20.29 12.96
C SER A 97 -3.19 -20.17 12.02
N LYS A 98 -4.31 -19.60 12.50
CA LYS A 98 -5.45 -19.33 11.63
C LYS A 98 -5.03 -18.46 10.44
N ASN A 99 -4.27 -17.40 10.67
CA ASN A 99 -3.85 -16.54 9.57
C ASN A 99 -2.90 -17.26 8.62
N ILE A 100 -1.91 -17.97 9.14
CA ILE A 100 -1.06 -18.79 8.29
C ILE A 100 -1.91 -19.75 7.47
N SER A 101 -2.91 -20.39 8.08
CA SER A 101 -3.77 -21.29 7.32
C SER A 101 -4.55 -20.55 6.23
N ARG A 102 -4.71 -19.22 6.36
CA ARG A 102 -5.42 -18.49 5.33
C ARG A 102 -4.58 -18.29 4.08
N ILE A 103 -3.29 -18.63 4.11
CA ILE A 103 -2.39 -18.51 2.96
C ILE A 103 -2.58 -19.76 2.10
N HIS A 104 -3.30 -19.64 1.00
CA HIS A 104 -3.63 -20.82 0.21
C HIS A 104 -2.43 -21.30 -0.58
N ARG A 105 -1.76 -20.39 -1.29
CA ARG A 105 -0.64 -20.70 -2.15
C ARG A 105 0.36 -19.55 -2.05
N ILE A 106 1.64 -19.89 -2.25
CA ILE A 106 2.70 -18.89 -2.31
C ILE A 106 3.53 -19.11 -3.56
N GLU A 107 3.68 -18.06 -4.37
CA GLU A 107 4.65 -18.04 -5.46
C GLU A 107 5.93 -17.37 -4.97
N GLY A 108 7.07 -17.97 -5.29
CA GLY A 108 8.33 -17.31 -5.02
C GLY A 108 8.80 -17.42 -3.60
N GLU A 109 8.27 -18.39 -2.84
CA GLU A 109 8.74 -18.61 -1.47
C GLU A 109 10.26 -18.76 -1.41
N HIS A 110 10.84 -19.35 -2.45
CA HIS A 110 12.28 -19.54 -2.54
C HIS A 110 13.06 -18.25 -2.29
N PHE A 111 12.65 -17.15 -2.93
CA PHE A 111 13.41 -15.91 -2.79
C PHE A 111 13.40 -15.42 -1.36
N PHE A 112 12.31 -15.66 -0.64
CA PHE A 112 12.21 -15.22 0.74
C PHE A 112 13.21 -15.96 1.63
N HIS A 113 13.22 -17.29 1.55
CA HIS A 113 14.16 -18.04 2.40
C HIS A 113 15.59 -17.76 1.98
N GLU A 114 15.81 -17.52 0.70
CA GLU A 114 17.16 -17.25 0.25
C GLU A 114 17.65 -15.90 0.76
N ALA A 115 16.79 -14.89 0.69
CA ALA A 115 17.15 -13.58 1.19
C ALA A 115 17.41 -13.65 2.70
N LEU A 116 16.57 -14.41 3.42
CA LEU A 116 16.87 -14.64 4.83
C LEU A 116 18.21 -15.32 4.99
N ALA A 117 18.54 -16.26 4.09
CA ALA A 117 19.80 -17.01 4.21
C ALA A 117 21.00 -16.09 4.05
N ALA A 118 20.89 -15.08 3.19
CA ALA A 118 22.01 -14.18 2.94
C ALA A 118 22.38 -13.34 4.16
N LYS A 119 21.46 -13.21 5.12
CA LYS A 119 21.68 -12.52 6.39
C LYS A 119 22.16 -11.08 6.22
N LYS A 120 21.83 -10.44 5.10
CA LYS A 120 22.11 -9.03 4.90
C LYS A 120 20.85 -8.18 5.08
N GLY A 121 19.79 -8.78 5.59
CA GLY A 121 18.53 -8.11 5.79
C GLY A 121 17.57 -8.35 4.62
N VAL A 122 16.29 -8.13 4.90
CA VAL A 122 15.25 -8.31 3.90
C VAL A 122 14.30 -7.14 4.00
N VAL A 123 14.06 -6.48 2.89
CA VAL A 123 13.09 -5.42 2.83
C VAL A 123 11.94 -5.97 2.03
N LEU A 124 10.79 -6.12 2.67
CA LEU A 124 9.60 -6.55 1.97
C LEU A 124 8.87 -5.29 1.54
N ILE A 125 8.72 -5.13 0.24
CA ILE A 125 8.05 -3.98 -0.33
C ILE A 125 6.62 -4.37 -0.63
N VAL A 126 5.70 -3.71 0.06
CA VAL A 126 4.29 -4.08 0.01
C VAL A 126 3.45 -2.90 -0.46
N PRO A 127 2.94 -2.90 -1.68
CA PRO A 127 2.02 -1.84 -2.08
C PRO A 127 0.66 -2.02 -1.42
N HIS A 128 -0.07 -0.90 -1.29
CA HIS A 128 -1.45 -0.91 -0.84
C HIS A 128 -2.34 -1.56 -1.88
N PHE A 129 -2.41 -2.87 -1.82
CA PHE A 129 -2.96 -3.69 -2.88
C PHE A 129 -3.48 -4.97 -2.25
N GLY A 130 -4.64 -5.45 -2.73
CA GLY A 130 -5.14 -6.74 -2.29
C GLY A 130 -5.35 -6.76 -0.79
N THR A 131 -4.85 -7.79 -0.14
CA THR A 131 -5.06 -7.96 1.30
C THR A 131 -3.71 -8.22 1.92
N TRP A 132 -2.88 -7.18 2.07
CA TRP A 132 -1.49 -7.43 2.47
C TRP A 132 -1.35 -7.87 3.91
N GLU A 133 -2.27 -7.48 4.79
CA GLU A 133 -2.09 -7.81 6.20
C GLU A 133 -2.01 -9.32 6.43
N VAL A 134 -2.57 -10.13 5.52
CA VAL A 134 -2.57 -11.58 5.73
C VAL A 134 -1.18 -12.19 5.59
N MET A 135 -0.21 -11.45 5.06
CA MET A 135 1.12 -12.02 4.87
C MET A 135 1.97 -11.98 6.13
N ASN A 136 1.56 -11.19 7.13
CA ASN A 136 2.44 -10.96 8.28
C ASN A 136 2.68 -12.23 9.08
N ALA A 137 1.61 -12.90 9.51
CA ALA A 137 1.77 -14.10 10.35
C ALA A 137 2.62 -15.14 9.64
N TRP A 138 2.42 -15.32 8.35
CA TRP A 138 3.23 -16.28 7.61
C TRP A 138 4.70 -15.87 7.59
N CYS A 139 4.98 -14.61 7.25
CA CYS A 139 6.35 -14.11 7.23
C CYS A 139 7.02 -14.24 8.58
N ALA A 140 6.27 -13.96 9.65
CA ALA A 140 6.87 -13.83 10.97
C ALA A 140 7.37 -15.17 11.51
N GLN A 141 6.93 -16.29 10.94
CA GLN A 141 7.44 -17.56 11.43
C GLN A 141 8.85 -17.86 10.94
N PHE A 142 9.39 -17.04 10.01
CA PHE A 142 10.74 -17.23 9.51
C PHE A 142 11.72 -16.13 9.92
N THR A 143 11.26 -15.00 10.45
CA THR A 143 12.12 -13.86 10.65
C THR A 143 11.52 -12.98 11.73
N SER A 144 12.37 -12.20 12.38
CA SER A 144 11.92 -11.08 13.20
C SER A 144 11.57 -9.90 12.28
N MET A 145 10.45 -9.25 12.57
CA MET A 145 9.97 -8.17 11.74
C MET A 145 9.93 -6.87 12.53
N THR A 146 10.48 -5.81 11.93
CA THR A 146 10.48 -4.46 12.46
C THR A 146 9.71 -3.61 11.46
N ILE A 147 8.73 -2.84 11.95
CA ILE A 147 7.80 -2.15 11.08
C ILE A 147 7.56 -0.76 11.62
N LEU A 148 7.53 0.21 10.70
CA LEU A 148 7.03 1.55 11.03
C LEU A 148 5.58 1.48 11.46
N TYR A 149 5.23 2.27 12.47
CA TYR A 149 3.87 2.26 13.00
C TYR A 149 3.47 3.68 13.34
N LYS A 150 2.43 4.20 12.68
CA LYS A 150 1.84 5.47 13.10
C LYS A 150 0.66 5.16 14.00
N PRO A 151 0.63 5.68 15.23
CA PRO A 151 -0.52 5.42 16.09
C PRO A 151 -1.81 5.84 15.39
N VAL A 152 -2.83 4.99 15.52
CA VAL A 152 -4.12 5.25 14.91
C VAL A 152 -4.85 6.32 15.72
N LYS A 153 -5.52 7.24 15.02
CA LYS A 153 -6.21 8.35 15.68
C LYS A 153 -7.09 7.88 16.84
N ASN A 154 -8.05 6.99 16.56
CA ASN A 154 -8.97 6.50 17.59
C ASN A 154 -8.27 5.48 18.48
N ALA A 155 -8.59 5.53 19.77
CA ALA A 155 -7.79 4.82 20.78
C ALA A 155 -8.03 3.32 20.79
N ASP A 156 -9.28 2.88 20.56
CA ASP A 156 -9.59 1.45 20.61
C ASP A 156 -9.12 0.74 19.35
N ALA A 157 -9.21 1.41 18.20
CA ALA A 157 -8.60 0.90 17.00
C ALA A 157 -7.11 0.68 17.21
N ASP A 158 -6.44 1.65 17.84
CA ASP A 158 -5.01 1.51 18.10
C ASP A 158 -4.73 0.31 18.99
N ARG A 159 -5.53 0.11 20.04
CA ARG A 159 -5.37 -1.07 20.88
C ARG A 159 -5.57 -2.34 20.06
N PHE A 160 -6.66 -2.39 19.28
CA PHE A 160 -6.96 -3.58 18.50
C PHE A 160 -5.84 -3.90 17.52
N VAL A 161 -5.26 -2.86 16.90
CA VAL A 161 -4.16 -3.09 15.95
C VAL A 161 -2.89 -3.45 16.69
N ARG A 162 -2.55 -2.68 17.73
CA ARG A 162 -1.35 -2.97 18.51
C ARG A 162 -1.40 -4.37 19.10
N GLU A 163 -2.56 -4.77 19.62
CA GLU A 163 -2.73 -6.14 20.07
C GLU A 163 -2.43 -7.14 18.96
N ALA A 164 -2.93 -6.87 17.74
CA ALA A 164 -2.68 -7.82 16.65
C ALA A 164 -1.20 -7.85 16.27
N ARG A 165 -0.54 -6.68 16.29
CA ARG A 165 0.89 -6.63 16.03
C ARG A 165 1.69 -7.31 17.13
N SER A 166 1.30 -7.10 18.38
CA SER A 166 1.90 -7.83 19.49
C SER A 166 1.82 -9.34 19.26
N ARG A 167 0.65 -9.84 18.87
CA ARG A 167 0.46 -11.26 18.59
C ARG A 167 1.33 -11.73 17.44
N GLU A 168 1.47 -10.91 16.39
CA GLU A 168 2.25 -11.37 15.25
CA GLU A 168 2.25 -11.20 15.21
C GLU A 168 3.75 -11.22 15.46
N GLN A 169 4.19 -10.86 16.67
CA GLN A 169 5.61 -10.72 17.03
C GLN A 169 6.26 -9.50 16.40
N ALA A 170 5.49 -8.56 15.88
CA ALA A 170 6.08 -7.45 15.14
C ALA A 170 6.71 -6.44 16.09
N ASN A 171 7.91 -5.99 15.75
CA ASN A 171 8.54 -4.90 16.48
C ASN A 171 8.13 -3.58 15.85
N LEU A 172 7.32 -2.81 16.56
CA LEU A 172 6.85 -1.52 16.06
C LEU A 172 7.82 -0.43 16.45
N VAL A 173 8.12 0.46 15.50
CA VAL A 173 9.03 1.58 15.72
C VAL A 173 8.36 2.85 15.19
N PRO A 174 8.71 4.03 15.70
CA PRO A 174 8.03 5.24 15.25
C PRO A 174 8.40 5.60 13.81
N THR A 175 7.46 6.25 13.13
CA THR A 175 7.71 6.78 11.80
C THR A 175 8.48 8.10 11.93
N ASP A 176 9.76 7.97 12.27
CA ASP A 176 10.66 9.12 12.34
C ASP A 176 12.07 8.58 12.20
N GLU A 177 13.07 9.42 12.43
CA GLU A 177 14.43 8.96 12.18
C GLU A 177 14.82 7.85 13.14
N SER A 178 14.27 7.85 14.37
CA SER A 178 14.67 6.83 15.32
C SER A 178 14.15 5.47 14.88
N GLY A 179 12.94 5.45 14.28
CA GLY A 179 12.43 4.20 13.73
C GLY A 179 13.24 3.73 12.54
N VAL A 180 13.65 4.67 11.68
CA VAL A 180 14.53 4.34 10.56
C VAL A 180 15.86 3.76 11.06
N ARG A 181 16.41 4.36 12.12
CA ARG A 181 17.63 3.81 12.69
C ARG A 181 17.42 2.37 13.19
N GLN A 182 16.33 2.12 13.93
CA GLN A 182 16.03 0.75 14.37
C GLN A 182 15.88 -0.20 13.18
N ILE A 183 15.33 0.27 12.07
CA ILE A 183 15.16 -0.59 10.91
C ILE A 183 16.51 -0.92 10.29
N PHE A 184 17.35 0.09 10.13
CA PHE A 184 18.72 -0.15 9.66
C PHE A 184 19.39 -1.19 10.55
N LYS A 185 19.27 -1.02 11.86
CA LYS A 185 19.86 -1.98 12.78
C LYS A 185 19.28 -3.36 12.59
N ALA A 186 17.95 -3.46 12.46
CA ALA A 186 17.33 -4.74 12.23
C ALA A 186 17.87 -5.40 10.97
N LEU A 187 17.98 -4.65 9.87
CA LEU A 187 18.51 -5.23 8.64
C LEU A 187 19.95 -5.70 8.83
N LYS A 188 20.82 -4.86 9.38
CA LYS A 188 22.22 -5.26 9.56
C LYS A 188 22.34 -6.57 10.36
N GLN A 189 21.34 -6.90 11.16
CA GLN A 189 21.27 -8.14 11.89
C GLN A 189 20.54 -9.24 11.12
N GLY A 190 20.32 -9.06 9.82
CA GLY A 190 19.72 -10.08 8.99
C GLY A 190 18.24 -10.26 9.16
N GLU A 191 17.55 -9.32 9.83
CA GLU A 191 16.12 -9.43 10.02
C GLU A 191 15.39 -8.66 8.91
N THR A 192 14.08 -8.53 9.06
CA THR A 192 13.18 -8.17 7.97
C THR A 192 12.39 -6.92 8.35
N THR A 193 12.06 -6.11 7.34
CA THR A 193 11.12 -5.02 7.53
C THR A 193 10.11 -5.04 6.39
N VAL A 194 8.94 -4.49 6.67
CA VAL A 194 7.89 -4.33 5.67
C VAL A 194 7.70 -2.84 5.47
N ILE A 195 7.87 -2.37 4.25
CA ILE A 195 7.62 -0.96 3.91
C ILE A 195 6.47 -0.95 2.92
N LEU A 196 5.43 -0.15 3.23
CA LEU A 196 4.44 0.25 2.25
C LEU A 196 4.95 1.50 1.57
N PRO A 197 5.38 1.42 0.31
CA PRO A 197 6.12 2.56 -0.28
C PRO A 197 5.30 3.52 -1.11
N ASP A 198 3.99 3.32 -1.24
CA ASP A 198 3.23 3.95 -2.31
C ASP A 198 2.24 4.98 -1.81
N HIS A 199 2.49 5.57 -0.64
CA HIS A 199 1.72 6.72 -0.22
C HIS A 199 2.58 7.99 -0.26
N THR A 200 1.91 9.12 -0.10
CA THR A 200 2.63 10.37 -0.05
C THR A 200 3.18 10.55 1.35
N PRO A 201 4.49 10.80 1.51
CA PRO A 201 5.02 10.97 2.87
C PRO A 201 4.42 12.21 3.53
N ASN A 202 4.27 12.16 4.86
CA ASN A 202 3.77 13.32 5.59
CA ASN A 202 3.74 13.34 5.55
C ASN A 202 4.75 14.49 5.54
N VAL A 203 6.03 14.21 5.46
CA VAL A 203 7.09 15.21 5.50
C VAL A 203 8.14 14.88 4.43
N GLY A 204 8.44 15.85 3.55
CA GLY A 204 9.27 15.56 2.35
C GLY A 204 8.44 14.74 1.36
N GLY A 205 8.95 14.09 0.33
CA GLY A 205 10.32 13.90 0.00
C GLY A 205 10.57 14.11 -1.49
N ASP A 206 10.84 13.08 -2.28
CA ASP A 206 11.47 13.26 -3.59
C ASP A 206 10.45 13.14 -4.71
N MET A 207 10.60 13.97 -5.75
CA MET A 207 9.69 13.92 -6.89
C MET A 207 10.13 12.77 -7.78
N VAL A 208 9.33 11.71 -7.81
CA VAL A 208 9.67 10.55 -8.63
C VAL A 208 8.45 10.26 -9.48
N ASN A 209 8.67 9.87 -10.73
CA ASN A 209 7.53 9.64 -11.61
C ASN A 209 6.72 8.45 -11.13
N TYR A 210 5.42 8.63 -11.09
CA TYR A 210 4.47 7.57 -10.80
C TYR A 210 3.44 7.63 -11.91
N PHE A 211 3.41 6.61 -12.77
CA PHE A 211 2.56 6.64 -13.96
C PHE A 211 2.83 7.89 -14.79
N GLY A 212 4.10 8.24 -14.95
CA GLY A 212 4.45 9.43 -15.72
C GLY A 212 4.26 10.75 -14.99
N VAL A 213 3.75 10.74 -13.77
CA VAL A 213 3.51 11.99 -13.04
C VAL A 213 4.53 12.10 -11.92
N PRO A 214 5.33 13.17 -11.87
CA PRO A 214 6.25 13.35 -10.74
C PRO A 214 5.45 13.59 -9.47
N LEU A 215 5.67 12.76 -8.48
CA LEU A 215 4.95 12.84 -7.21
C LEU A 215 5.95 12.85 -6.08
N ALA A 216 5.65 13.62 -5.03
CA ALA A 216 6.48 13.57 -3.83
C ALA A 216 6.43 12.15 -3.26
N SER A 217 7.59 11.53 -3.09
CA SER A 217 7.61 10.11 -2.79
C SER A 217 8.61 9.82 -1.69
N SER A 218 8.34 8.74 -0.95
CA SER A 218 9.29 8.26 0.05
C SER A 218 10.52 7.66 -0.62
N ASN A 219 11.69 7.87 -0.02
CA ASN A 219 12.91 7.23 -0.49
C ASN A 219 13.36 6.12 0.45
N LEU A 220 12.52 5.78 1.43
CA LEU A 220 13.00 4.95 2.54
C LEU A 220 13.42 3.58 2.04
N SER A 221 12.60 2.94 1.22
CA SER A 221 12.95 1.60 0.73
C SER A 221 14.33 1.60 0.08
N ALA A 222 14.55 2.51 -0.87
CA ALA A 222 15.83 2.56 -1.58
C ALA A 222 17.00 2.90 -0.66
N LYS A 223 16.81 3.86 0.25
CA LYS A 223 17.84 4.21 1.21
C LYS A 223 18.29 3.00 2.01
N LEU A 224 17.32 2.27 2.57
CA LEU A 224 17.62 1.05 3.32
C LEU A 224 18.36 0.04 2.47
N ILE A 225 17.86 -0.20 1.28
CA ILE A 225 18.37 -1.29 0.44
C ILE A 225 19.76 -0.96 -0.09
N GLN A 226 19.94 0.24 -0.63
CA GLN A 226 21.19 0.57 -1.29
C GLN A 226 22.35 0.68 -0.31
N LYS A 227 22.09 1.13 0.91
CA LYS A 227 23.18 1.21 1.88
C LYS A 227 23.52 -0.18 2.41
N THR A 228 22.55 -0.87 3.00
CA THR A 228 22.79 -2.15 3.67
C THR A 228 23.02 -3.31 2.70
N LYS A 229 22.68 -3.15 1.43
N LYS A 229 22.68 -3.17 1.42
CA LYS A 229 22.66 -4.25 0.46
CA LYS A 229 22.68 -4.28 0.49
C LYS A 229 21.67 -5.34 0.86
C LYS A 229 21.72 -5.38 0.94
N ALA A 230 20.69 -5.01 1.69
CA ALA A 230 19.63 -5.94 2.00
C ALA A 230 18.91 -6.36 0.72
N LYS A 231 18.34 -7.54 0.78
CA LYS A 231 17.57 -8.04 -0.35
C LYS A 231 16.20 -7.40 -0.36
N ALA A 232 15.75 -7.00 -1.52
CA ALA A 232 14.46 -6.37 -1.69
C ALA A 232 13.50 -7.35 -2.32
N LEU A 233 12.36 -7.57 -1.69
CA LEU A 233 11.35 -8.45 -2.24
C LEU A 233 10.06 -7.67 -2.36
N PHE A 234 9.36 -7.92 -3.46
CA PHE A 234 8.09 -7.30 -3.78
C PHE A 234 7.00 -8.30 -3.44
N LEU A 235 6.05 -7.91 -2.57
CA LEU A 235 5.06 -8.84 -2.04
C LEU A 235 3.65 -8.31 -2.15
N TYR A 236 2.72 -9.23 -2.43
CA TYR A 236 1.31 -8.90 -2.47
C TYR A 236 0.51 -10.19 -2.33
N ALA A 237 -0.72 -10.05 -1.86
CA ALA A 237 -1.59 -11.17 -1.66
C ALA A 237 -2.97 -10.82 -2.17
N ILE A 238 -3.59 -11.77 -2.87
CA ILE A 238 -4.91 -11.57 -3.47
C ILE A 238 -5.83 -12.68 -2.99
N ARG A 239 -7.03 -12.30 -2.56
CA ARG A 239 -8.00 -13.29 -2.10
C ARG A 239 -8.36 -14.23 -3.23
N ASN A 240 -8.66 -15.47 -2.85
CA ASN A 240 -9.28 -16.44 -3.73
C ASN A 240 -10.75 -16.53 -3.38
N GLU A 241 -11.61 -16.50 -4.39
CA GLU A 241 -13.05 -16.57 -4.22
C GLU A 241 -13.43 -17.59 -3.16
N ASN A 242 -14.05 -17.12 -2.08
CA ASN A 242 -14.41 -17.90 -0.88
C ASN A 242 -13.33 -18.92 -0.50
N ASP A 243 -12.17 -18.39 -0.13
CA ASP A 243 -11.04 -19.22 0.31
C ASP A 243 -10.12 -18.29 1.12
N GLY A 244 -8.83 -18.56 1.09
CA GLY A 244 -7.84 -17.68 1.67
C GLY A 244 -7.27 -16.84 0.55
N PHE A 245 -5.95 -16.80 0.44
CA PHE A 245 -5.25 -15.77 -0.32
C PHE A 245 -4.03 -16.40 -0.97
N THR A 246 -3.75 -16.05 -2.21
CA THR A 246 -2.48 -16.39 -2.81
C THR A 246 -1.52 -15.24 -2.56
N MET A 247 -0.32 -15.57 -2.11
CA MET A 247 0.70 -14.58 -1.80
C MET A 247 1.82 -14.68 -2.83
N HIS A 248 2.31 -13.53 -3.28
CA HIS A 248 3.33 -13.50 -4.32
C HIS A 248 4.55 -12.77 -3.80
N ILE A 249 5.70 -13.42 -3.94
CA ILE A 249 7.00 -12.90 -3.54
C ILE A 249 7.84 -12.81 -4.78
N GLU A 250 8.26 -11.60 -5.14
CA GLU A 250 9.03 -11.40 -6.33
C GLU A 250 10.28 -10.62 -5.98
N PRO A 251 11.43 -10.99 -6.51
CA PRO A 251 12.63 -10.20 -6.28
C PRO A 251 12.53 -8.88 -7.02
N MET A 252 12.97 -7.83 -6.38
CA MET A 252 13.05 -6.56 -7.07
C MET A 252 14.19 -6.60 -8.08
N ASP A 253 13.96 -5.96 -9.22
CA ASP A 253 15.00 -5.78 -10.23
C ASP A 253 16.29 -5.28 -9.60
N GLU A 254 17.41 -5.89 -9.99
CA GLU A 254 18.71 -5.59 -9.39
C GLU A 254 19.12 -4.14 -9.61
N LYS A 255 18.57 -3.49 -10.64
CA LYS A 255 18.78 -2.06 -10.82
C LYS A 255 18.44 -1.25 -9.56
N ILE A 256 17.64 -1.81 -8.64
CA ILE A 256 17.28 -1.03 -7.45
C ILE A 256 18.51 -0.66 -6.64
N TYR A 257 19.59 -1.43 -6.77
CA TYR A 257 20.82 -1.14 -6.02
C TYR A 257 21.65 -0.02 -6.64
N GLU A 258 21.33 0.37 -7.87
CA GLU A 258 22.13 1.30 -8.64
C GLU A 258 21.60 2.72 -8.50
N GLY A 259 22.50 3.68 -8.64
CA GLY A 259 22.11 5.07 -8.70
C GLY A 259 21.80 5.65 -7.33
N THR A 260 21.00 6.71 -7.35
CA THR A 260 20.59 7.41 -6.16
C THR A 260 19.41 6.68 -5.53
N ALA A 261 19.04 7.13 -4.33
CA ALA A 261 17.81 6.62 -3.70
C ALA A 261 16.61 6.86 -4.60
N ASP A 262 16.58 7.99 -5.32
CA ASP A 262 15.44 8.30 -6.18
C ASP A 262 15.33 7.36 -7.36
N ASP A 263 16.48 6.95 -7.92
CA ASP A 263 16.47 5.92 -8.96
C ASP A 263 15.95 4.60 -8.40
N GLY A 264 16.30 4.27 -7.16
CA GLY A 264 15.75 3.07 -6.56
C GLY A 264 14.25 3.18 -6.38
N THR A 265 13.79 4.32 -5.88
CA THR A 265 12.36 4.54 -5.74
C THR A 265 11.65 4.39 -7.07
N TYR A 266 12.27 4.88 -8.15
CA TYR A 266 11.64 4.73 -9.46
C TYR A 266 11.49 3.26 -9.85
N VAL A 267 12.51 2.45 -9.58
CA VAL A 267 12.38 1.00 -9.82
C VAL A 267 11.25 0.41 -8.99
N ILE A 268 11.07 0.90 -7.77
CA ILE A 268 9.92 0.42 -7.01
C ILE A 268 8.62 0.86 -7.67
N HIS A 269 8.58 2.10 -8.19
CA HIS A 269 7.37 2.58 -8.85
C HIS A 269 7.02 1.76 -10.08
N GLN A 270 8.02 1.33 -10.85
CA GLN A 270 7.76 0.51 -12.03
CA GLN A 270 7.75 0.52 -12.03
C GLN A 270 7.10 -0.81 -11.65
N ALA A 271 7.57 -1.41 -10.55
CA ALA A 271 7.02 -2.68 -10.10
C ALA A 271 5.56 -2.53 -9.71
N ILE A 272 5.23 -1.43 -9.03
CA ILE A 272 3.86 -1.19 -8.62
C ILE A 272 2.99 -0.94 -9.83
N GLU A 273 3.54 -0.20 -10.81
CA GLU A 273 2.78 0.06 -12.02
C GLU A 273 2.44 -1.24 -12.73
N GLN A 274 3.42 -2.14 -12.85
CA GLN A 274 3.17 -3.41 -13.53
C GLN A 274 2.16 -4.23 -12.77
N LEU A 275 2.24 -4.23 -11.46
CA LEU A 275 1.25 -4.92 -10.67
C LEU A 275 -0.13 -4.33 -10.91
N ILE A 276 -0.23 -3.00 -10.92
CA ILE A 276 -1.52 -2.36 -11.14
C ILE A 276 -2.05 -2.67 -12.54
N TYR A 277 -1.14 -2.75 -13.52
CA TYR A 277 -1.58 -3.00 -14.90
C TYR A 277 -2.21 -4.38 -15.01
N GLN A 278 -1.61 -5.36 -14.34
CA GLN A 278 -2.16 -6.69 -14.40
C GLN A 278 -3.43 -6.81 -13.56
N TYR A 279 -3.50 -6.10 -12.42
CA TYR A 279 -4.57 -6.30 -11.43
C TYR A 279 -5.17 -4.99 -10.96
N PRO A 280 -5.71 -4.17 -11.86
CA PRO A 280 -6.14 -2.84 -11.45
C PRO A 280 -7.25 -2.88 -10.43
N GLU A 281 -8.09 -3.91 -10.47
CA GLU A 281 -9.19 -4.03 -9.52
C GLU A 281 -8.73 -4.33 -8.10
N HIS A 282 -7.45 -4.60 -7.89
CA HIS A 282 -6.96 -4.99 -6.58
C HIS A 282 -6.10 -3.93 -5.91
N TYR A 283 -5.80 -2.85 -6.61
CA TYR A 283 -5.13 -1.72 -5.99
C TYR A 283 -6.12 -0.90 -5.18
N HIS A 284 -5.66 -0.28 -4.11
CA HIS A 284 -6.53 0.51 -3.23
C HIS A 284 -6.53 1.94 -3.76
N TRP A 285 -7.46 2.21 -4.66
CA TRP A 285 -7.53 3.45 -5.41
C TRP A 285 -8.08 4.62 -4.62
N SER A 286 -8.61 4.38 -3.42
CA SER A 286 -9.23 5.48 -2.69
C SER A 286 -8.21 6.54 -2.29
N TYR A 287 -6.96 6.15 -2.08
CA TYR A 287 -5.95 7.10 -1.60
C TYR A 287 -5.69 8.17 -2.65
N LYS A 288 -5.63 9.44 -2.22
CA LYS A 288 -5.47 10.55 -3.16
C LYS A 288 -3.98 10.78 -3.46
N ARG A 289 -3.38 9.77 -4.10
CA ARG A 289 -1.94 9.80 -4.35
C ARG A 289 -1.53 10.94 -5.27
N PHE A 290 -2.29 11.23 -6.32
CA PHE A 290 -1.82 12.12 -7.37
C PHE A 290 -1.92 13.60 -7.02
N LYS A 291 -2.41 13.91 -5.82
CA LYS A 291 -2.33 15.22 -5.23
C LYS A 291 -0.90 15.67 -4.98
N ALA A 292 0.05 14.75 -4.89
CA ALA A 292 1.35 15.07 -4.33
C ALA A 292 2.28 15.75 -5.35
N ASN A 293 1.79 16.81 -6.01
CA ASN A 293 2.57 17.56 -6.98
C ASN A 293 2.07 18.99 -6.86
N PRO A 294 2.95 19.99 -6.87
CA PRO A 294 2.47 21.37 -6.66
C PRO A 294 1.46 21.82 -7.71
N ALA A 295 1.45 21.23 -8.89
CA ALA A 295 0.44 21.57 -9.90
C ALA A 295 -0.87 20.86 -9.63
N LEU A 296 -0.86 19.83 -8.79
CA LEU A 296 -2.01 18.93 -8.72
C LEU A 296 -2.73 18.99 -7.38
N ASP A 297 -2.45 19.99 -6.55
CA ASP A 297 -2.94 19.98 -5.16
C ASP A 297 -4.46 19.88 -5.08
N ASN A 298 -5.18 20.39 -6.07
CA ASN A 298 -6.64 20.49 -6.00
C ASN A 298 -7.36 19.53 -6.93
N ILE A 299 -6.66 18.58 -7.55
CA ILE A 299 -7.29 17.86 -8.67
C ILE A 299 -8.45 16.99 -8.22
N TYR A 300 -8.52 16.61 -6.95
CA TYR A 300 -9.66 15.83 -6.49
C TYR A 300 -10.87 16.70 -6.14
N ASN A 301 -10.68 18.01 -5.95
CA ASN A 301 -11.77 18.92 -5.66
C ASN A 301 -12.43 19.45 -6.92
N ILE A 302 -11.64 19.68 -7.96
CA ILE A 302 -12.17 20.31 -9.17
C ILE A 302 -12.89 19.25 -9.98
N ASP A 303 -13.30 19.64 -11.15
CA ASP A 303 -14.07 18.76 -12.03
C ASP A 303 -13.13 17.80 -12.74
N PRO A 304 -13.42 16.50 -12.74
CA PRO A 304 -12.42 15.52 -13.20
C PRO A 304 -11.85 15.79 -14.60
N THR A 305 -12.66 16.29 -15.52
CA THR A 305 -12.17 16.46 -16.88
C THR A 305 -11.14 17.59 -16.98
N GLU A 306 -11.27 18.64 -16.17
CA GLU A 306 -10.21 19.66 -16.07
C GLU A 306 -8.99 19.11 -15.34
N ALA A 307 -9.24 18.44 -14.21
CA ALA A 307 -8.19 17.71 -13.51
C ALA A 307 -7.32 16.94 -14.51
N LEU A 308 -7.96 16.18 -15.40
CA LEU A 308 -7.18 15.34 -16.30
C LEU A 308 -6.43 16.17 -17.33
N LYS A 309 -6.95 17.34 -17.70
CA LYS A 309 -6.19 18.22 -18.60
C LYS A 309 -4.91 18.69 -17.92
N ILE A 310 -5.01 19.01 -16.63
CA ILE A 310 -3.85 19.45 -15.85
C ILE A 310 -2.84 18.32 -15.75
N VAL A 311 -3.31 17.10 -15.51
CA VAL A 311 -2.41 15.95 -15.42
C VAL A 311 -1.75 15.68 -16.77
N ASP A 312 -2.54 15.64 -17.84
CA ASP A 312 -1.97 15.43 -19.17
C ASP A 312 -0.95 16.51 -19.52
N ARG A 313 -1.26 17.76 -19.16
CA ARG A 313 -0.29 18.84 -19.27
C ARG A 313 1.02 18.44 -18.60
N LEU A 314 0.92 17.86 -17.41
CA LEU A 314 2.11 17.63 -16.60
C LEU A 314 2.91 16.42 -17.07
N LYS A 315 2.24 15.36 -17.53
CA LYS A 315 2.98 14.18 -18.00
C LYS A 315 3.81 14.52 -19.23
N ALA A 316 3.34 15.49 -20.00
CA ALA A 316 4.03 15.94 -21.22
C ALA A 316 5.23 16.81 -20.87
N GLU A 317 5.04 17.81 -20.00
CA GLU A 317 6.16 18.63 -19.56
C GLU A 317 7.28 17.76 -19.00
N ALA A 318 6.93 16.76 -18.17
CA ALA A 318 7.95 15.97 -17.50
C ALA A 318 8.78 15.15 -18.49
N LEU A 319 8.17 14.63 -19.56
CA LEU A 319 8.97 13.90 -20.54
C LEU A 319 9.84 14.86 -21.34
N LYS A 320 9.30 16.04 -21.69
CA LYS A 320 10.08 17.03 -22.42
C LYS A 320 11.21 17.60 -21.57
N THR A 321 10.98 17.79 -20.27
CA THR A 321 12.04 18.31 -19.41
C THR A 321 13.11 17.27 -19.06
N SER A 322 12.82 15.99 -19.26
CA SER A 322 13.83 14.98 -18.95
C SER A 322 14.89 14.87 -20.05
N THR A 323 14.54 15.21 -21.29
CA THR A 323 15.55 15.36 -22.34
C THR A 323 16.35 16.64 -22.15
N GLN A 324 15.76 17.67 -21.52
CA GLN A 324 16.42 18.94 -21.26
C GLN A 324 17.42 18.78 -20.10
N PRO A 325 18.59 19.41 -20.20
CA PRO A 325 19.54 19.35 -19.08
C PRO A 325 19.01 19.95 -17.78
N GLU A 326 18.01 20.82 -17.84
CA GLU A 326 17.50 21.46 -16.62
C GLU A 326 16.74 20.46 -15.75
N PRO A 327 17.10 20.35 -14.25
CA PRO A 327 16.31 19.49 -13.33
C PRO A 327 14.99 20.16 -12.93
N ILE A 328 14.03 20.10 -13.84
CA ILE A 328 12.78 20.84 -13.64
C ILE A 328 11.87 20.11 -12.66
N GLN A 329 11.63 18.83 -12.90
CA GLN A 329 10.57 18.12 -12.17
C GLN A 329 11.00 17.79 -10.75
N THR A 330 12.29 17.62 -10.50
CA THR A 330 12.73 17.27 -9.16
C THR A 330 12.92 18.49 -8.26
N SER A 331 12.80 19.69 -8.82
CA SER A 331 12.85 20.89 -8.02
C SER A 331 11.61 20.97 -7.14
N VAL A 332 11.84 21.11 -5.85
CA VAL A 332 10.79 21.24 -4.85
C VAL A 332 10.80 22.68 -4.36
N MET A 333 9.66 23.33 -4.37
CA MET A 333 9.67 24.77 -4.08
C MET A 333 8.63 25.18 -3.04
#